data_3OSQ
#
_entry.id   3OSQ
#
_cell.length_a   81.262
_cell.length_b   88.686
_cell.length_c   119.360
_cell.angle_alpha   90.00
_cell.angle_beta   90.00
_cell.angle_gamma   90.00
#
_symmetry.space_group_name_H-M   'P 21 21 21'
#
loop_
_entity.id
_entity.type
_entity.pdbx_description
1 polymer 'Maltose-binding periplasmic protein,Green fluorescent protein'
2 branched alpha-D-glucopyranose-(1-4)-alpha-D-glucopyranose
3 non-polymer 'SULFATE ION'
4 water water
#
_entity_poly.entity_id   1
_entity_poly.type   'polypeptide(L)'
_entity_poly.pdbx_seq_one_letter_code
;MRGSHHHHHHGMASMTGGQQMGRDLYDDDDKDRWGSKIEEGKLVIWINGDKGYNGLAEVGKKFEKDTGIKVTVEHPDKLE
EKFPQVAATGDGPDIIFWAHDRFGGYAQSGLLAEITPDKAFQDKLYPFTWDAVRYNGKLIAYPIAVEALSLIYNKDLLPN
PPKTWEEIPALDKELKAKGKSALMFNLQEPYFTWPLIAADGGYAFKYENHLSHNVYIMADKQKNGIKANFKIRHNIEDGG
VQLAYHYQQNTPIGDGPVLLPDNHYLSTQSKLSKDPNEKRDHMVLLEFVTAAGITLGMDELYKGGTGGSMVSKGEELFTG
VVPILVELDGDVNGHKFSVSGEGEGDATYGKLTLKFICTTGKLPVPWPTLVTTL(C12)VQCFSRYPDHMKQHDFFKSAM
PEGYIQERTIFFKDDGNYKTRAEVKFEGDTLVNRIELKGIDFKEDGNILGHKLEYNFNGGKYDIKDVGVDNAGAKAGLTF
LVDLIKNKHMNADTDYSIAEAAFNKGETAMTINGPWAWSNIDTSKVNYGVTVLPTFKGQPSKPFVGVLSAGINAASPNKE
LAKEFLENYLLTDEGLEAVNKDKPLGAVALKSYEEELVKDPRIAATMENAQKGEIMPNIPQMSAFWYAVRTAVINAASGR
QTVDEDLKDAQTRITKGSHHHHHHG
;
_entity_poly.pdbx_strand_id   A
#
# COMPACT_ATOMS: atom_id res chain seq x y z
N ILE A 38 26.03 -10.72 -10.21
CA ILE A 38 25.51 -11.68 -9.18
C ILE A 38 25.87 -13.10 -9.62
N GLU A 39 26.59 -13.84 -8.78
CA GLU A 39 27.07 -15.20 -9.14
C GLU A 39 25.93 -16.20 -9.27
N GLU A 40 25.94 -16.94 -10.37
CA GLU A 40 24.96 -17.95 -10.58
C GLU A 40 25.28 -19.20 -9.75
N GLY A 41 24.26 -19.90 -9.25
CA GLY A 41 24.54 -21.23 -8.65
C GLY A 41 24.80 -21.21 -7.16
N LYS A 42 24.51 -20.08 -6.52
CA LYS A 42 24.55 -19.98 -5.09
C LYS A 42 23.54 -18.92 -4.66
N LEU A 43 23.33 -18.76 -3.32
CA LEU A 43 22.45 -17.68 -2.82
C LEU A 43 23.23 -16.77 -1.87
N VAL A 44 23.12 -15.47 -2.11
CA VAL A 44 23.54 -14.44 -1.16
C VAL A 44 22.30 -13.78 -0.61
N ILE A 45 22.23 -13.71 0.72
CA ILE A 45 21.07 -13.11 1.44
C ILE A 45 21.54 -11.98 2.32
N TRP A 46 20.84 -10.84 2.25
CA TRP A 46 21.06 -9.69 3.15
C TRP A 46 19.93 -9.65 4.12
N ILE A 47 20.28 -9.50 5.37
CA ILE A 47 19.29 -9.30 6.45
C ILE A 47 19.82 -8.32 7.50
N ASN A 48 18.92 -7.60 8.17
CA ASN A 48 19.40 -6.59 9.11
C ASN A 48 20.06 -7.20 10.34
N GLY A 49 21.07 -6.51 10.86
CA GLY A 49 21.84 -7.02 11.95
C GLY A 49 21.17 -7.14 13.29
N ASP A 50 19.94 -6.58 13.42
CA ASP A 50 19.17 -6.84 14.64
C ASP A 50 18.31 -8.16 14.58
N LYS A 51 18.37 -8.93 13.49
CA LYS A 51 17.60 -10.15 13.30
C LYS A 51 18.44 -11.40 13.48
N GLY A 52 17.79 -12.55 13.47
CA GLY A 52 18.46 -13.84 13.70
C GLY A 52 19.29 -14.35 12.52
N TYR A 53 20.34 -13.62 12.14
CA TYR A 53 21.09 -14.02 10.96
C TYR A 53 21.93 -15.26 11.12
N ASN A 54 22.37 -15.56 12.34
CA ASN A 54 22.98 -16.84 12.62
C ASN A 54 21.99 -17.99 12.52
N GLY A 55 20.81 -17.81 13.03
CA GLY A 55 19.79 -18.84 12.77
C GLY A 55 19.42 -18.98 11.29
N LEU A 56 19.33 -17.86 10.57
CA LEU A 56 19.06 -17.97 9.14
C LEU A 56 20.20 -18.70 8.42
N ALA A 57 21.43 -18.44 8.84
CA ALA A 57 22.58 -19.17 8.30
C ALA A 57 22.49 -20.67 8.54
N GLU A 58 21.92 -21.12 9.68
CA GLU A 58 21.67 -22.54 9.90
C GLU A 58 20.72 -23.10 8.90
N VAL A 59 19.68 -22.35 8.56
CA VAL A 59 18.71 -22.82 7.54
C VAL A 59 19.45 -22.94 6.21
N GLY A 60 20.33 -21.97 5.92
CA GLY A 60 21.23 -22.04 4.75
C GLY A 60 22.11 -23.26 4.69
N LYS A 61 22.63 -23.66 5.82
CA LYS A 61 23.44 -24.86 5.93
C LYS A 61 22.61 -26.14 5.66
N LYS A 62 21.39 -26.19 6.16
CA LYS A 62 20.50 -27.30 5.84
C LYS A 62 20.18 -27.36 4.34
N PHE A 63 19.96 -26.20 3.76
CA PHE A 63 19.74 -26.14 2.27
C PHE A 63 20.97 -26.70 1.55
N GLU A 64 22.14 -26.34 2.02
CA GLU A 64 23.37 -26.85 1.37
C GLU A 64 23.53 -28.33 1.60
N LYS A 65 23.23 -28.84 2.79
CA LYS A 65 23.30 -30.30 3.05
C LYS A 65 22.42 -31.07 2.08
N ASP A 66 21.24 -30.55 1.77
CA ASP A 66 20.25 -31.26 0.89
C ASP A 66 20.53 -31.13 -0.63
N THR A 67 21.18 -30.02 -1.00
CA THR A 67 21.27 -29.56 -2.39
C THR A 67 22.68 -29.36 -2.92
N GLY A 68 23.68 -29.22 -2.02
CA GLY A 68 24.97 -28.79 -2.45
C GLY A 68 25.16 -27.30 -2.73
N ILE A 69 24.08 -26.53 -2.62
CA ILE A 69 24.13 -25.11 -2.99
C ILE A 69 24.51 -24.28 -1.73
N LYS A 70 25.55 -23.42 -1.83
CA LYS A 70 25.98 -22.56 -0.70
C LYS A 70 25.08 -21.36 -0.58
N VAL A 71 24.76 -21.04 0.66
CA VAL A 71 23.89 -19.92 1.05
C VAL A 71 24.71 -19.05 1.98
N THR A 72 24.98 -17.80 1.54
CA THR A 72 25.81 -16.86 2.30
C THR A 72 24.93 -15.78 2.88
N VAL A 73 24.88 -15.69 4.19
CA VAL A 73 24.03 -14.74 4.88
C VAL A 73 24.88 -13.53 5.34
N GLU A 74 24.57 -12.34 4.86
CA GLU A 74 25.27 -11.11 5.27
C GLU A 74 24.27 -10.11 5.98
N HIS A 75 24.83 -9.23 6.82
CA HIS A 75 24.09 -8.17 7.50
C HIS A 75 24.79 -6.81 7.38
N PRO A 76 24.82 -6.28 6.17
CA PRO A 76 25.52 -5.04 5.95
C PRO A 76 24.84 -3.91 6.65
N ASP A 77 25.60 -2.92 7.00
CA ASP A 77 25.03 -1.71 7.51
C ASP A 77 24.17 -0.99 6.53
N LYS A 78 23.15 -0.29 6.99
CA LYS A 78 22.31 0.52 6.10
C LYS A 78 21.83 -0.34 4.91
N LEU A 79 21.49 -1.63 5.11
CA LEU A 79 21.21 -2.44 3.89
C LEU A 79 20.00 -1.89 3.16
N GLU A 80 19.12 -1.18 3.84
CA GLU A 80 17.89 -0.72 3.12
C GLU A 80 18.16 0.42 2.12
N GLU A 81 19.27 1.16 2.34
CA GLU A 81 19.77 2.21 1.43
C GLU A 81 20.75 1.60 0.43
N LYS A 82 21.53 0.61 0.88
CA LYS A 82 22.48 -0.06 -0.03
C LYS A 82 21.81 -0.84 -1.11
N PHE A 83 20.78 -1.61 -0.75
CA PHE A 83 20.15 -2.46 -1.77
C PHE A 83 19.70 -1.72 -3.04
N PRO A 84 18.91 -0.62 -2.92
CA PRO A 84 18.48 0.06 -4.15
C PRO A 84 19.67 0.63 -4.94
N GLN A 85 20.77 1.01 -4.26
CA GLN A 85 21.98 1.55 -4.94
C GLN A 85 22.60 0.48 -5.80
N VAL A 86 22.86 -0.68 -5.20
CA VAL A 86 23.59 -1.76 -5.90
C VAL A 86 22.69 -2.54 -6.81
N ALA A 87 21.42 -2.76 -6.43
CA ALA A 87 20.50 -3.45 -7.33
C ALA A 87 20.19 -2.63 -8.59
N ALA A 88 20.22 -1.32 -8.47
CA ALA A 88 19.91 -0.43 -9.61
C ALA A 88 20.96 -0.63 -10.69
N THR A 89 22.18 -1.01 -10.28
CA THR A 89 23.24 -1.30 -11.27
C THR A 89 23.20 -2.74 -11.67
N GLY A 90 22.25 -3.53 -11.18
CA GLY A 90 22.26 -4.95 -11.49
C GLY A 90 23.08 -5.85 -10.53
N ASP A 91 23.41 -5.33 -9.38
CA ASP A 91 24.20 -6.08 -8.41
C ASP A 91 23.44 -6.36 -7.11
N GLY A 92 24.14 -6.82 -6.08
CA GLY A 92 23.56 -7.02 -4.73
C GLY A 92 23.23 -8.48 -4.43
N PRO A 93 22.43 -8.70 -3.39
CA PRO A 93 22.09 -10.06 -2.95
C PRO A 93 21.04 -10.64 -3.89
N ASP A 94 20.91 -11.96 -3.84
CA ASP A 94 19.79 -12.67 -4.43
C ASP A 94 18.50 -12.35 -3.69
N ILE A 95 18.57 -12.36 -2.37
CA ILE A 95 17.38 -12.21 -1.53
C ILE A 95 17.67 -11.09 -0.55
N ILE A 96 16.68 -10.20 -0.38
CA ILE A 96 16.76 -9.07 0.59
C ILE A 96 15.62 -9.14 1.59
N PHE A 97 15.93 -9.04 2.87
CA PHE A 97 14.98 -9.05 3.95
C PHE A 97 14.90 -7.64 4.53
N TRP A 98 13.70 -7.17 4.73
CA TRP A 98 13.44 -5.95 5.41
C TRP A 98 11.93 -5.98 5.75
N ALA A 99 11.50 -5.11 6.64
CA ALA A 99 10.09 -4.86 6.75
C ALA A 99 9.46 -4.45 5.39
N HIS A 100 8.18 -4.80 5.22
CA HIS A 100 7.47 -4.61 4.00
C HIS A 100 7.40 -3.16 3.51
N ASP A 101 7.55 -2.15 4.36
CA ASP A 101 7.30 -0.77 3.97
C ASP A 101 8.27 -0.29 2.92
N ARG A 102 9.48 -0.85 2.87
CA ARG A 102 10.44 -0.45 1.82
C ARG A 102 10.26 -1.04 0.43
N PHE A 103 9.47 -2.06 0.31
CA PHE A 103 9.43 -2.92 -0.89
C PHE A 103 8.68 -2.27 -2.06
N GLY A 104 7.69 -1.45 -1.76
CA GLY A 104 7.00 -0.73 -2.85
C GLY A 104 7.93 0.13 -3.65
N GLY A 105 8.78 0.83 -2.94
CA GLY A 105 9.79 1.72 -3.59
C GLY A 105 10.74 0.90 -4.44
N TYR A 106 11.27 -0.21 -3.88
CA TYR A 106 12.11 -1.15 -4.67
C TYR A 106 11.41 -1.68 -5.88
N ALA A 107 10.16 -2.13 -5.70
CA ALA A 107 9.37 -2.57 -6.81
C ALA A 107 9.13 -1.49 -7.89
N GLN A 108 8.81 -0.30 -7.48
CA GLN A 108 8.61 0.77 -8.46
C GLN A 108 9.89 1.05 -9.23
N SER A 109 11.04 0.92 -8.59
CA SER A 109 12.31 1.12 -9.30
C SER A 109 12.73 -0.12 -10.13
N GLY A 110 11.90 -1.16 -10.22
CA GLY A 110 12.21 -2.32 -11.07
C GLY A 110 13.22 -3.27 -10.41
N LEU A 111 13.32 -3.25 -9.06
CA LEU A 111 14.39 -4.04 -8.41
C LEU A 111 13.99 -5.42 -7.86
N LEU A 112 12.71 -5.77 -7.91
CA LEU A 112 12.22 -7.00 -7.28
C LEU A 112 11.51 -7.87 -8.30
N ALA A 113 11.80 -9.17 -8.30
CA ALA A 113 11.09 -10.07 -9.14
C ALA A 113 9.69 -10.31 -8.60
N GLU A 114 8.67 -10.37 -9.48
CA GLU A 114 7.34 -10.79 -9.02
C GLU A 114 7.37 -12.24 -8.52
N ILE A 115 6.71 -12.52 -7.42
CA ILE A 115 6.68 -13.91 -7.02
C ILE A 115 5.23 -14.41 -7.35
N THR A 116 5.12 -15.66 -7.76
CA THR A 116 3.82 -16.26 -8.03
C THR A 116 3.83 -17.66 -7.42
N PRO A 117 3.92 -17.76 -6.08
CA PRO A 117 3.67 -19.04 -5.41
C PRO A 117 2.36 -19.65 -5.81
N ASP A 118 2.30 -20.96 -5.92
CA ASP A 118 0.99 -21.56 -6.16
C ASP A 118 0.00 -21.45 -4.96
N LYS A 119 -1.24 -21.79 -5.22
CA LYS A 119 -2.27 -21.56 -4.25
C LYS A 119 -2.02 -22.45 -3.01
N ALA A 120 -1.48 -23.66 -3.20
CA ALA A 120 -1.20 -24.56 -2.07
C ALA A 120 -0.18 -23.90 -1.13
N PHE A 121 0.84 -23.27 -1.67
CA PHE A 121 1.76 -22.52 -0.82
C PHE A 121 1.13 -21.26 -0.20
N GLN A 122 0.41 -20.47 -0.99
CA GLN A 122 -0.24 -19.30 -0.41
C GLN A 122 -1.14 -19.61 0.78
N ASP A 123 -1.82 -20.74 0.75
CA ASP A 123 -2.69 -21.17 1.82
CA ASP A 123 -2.69 -21.19 1.85
C ASP A 123 -1.94 -21.48 3.17
N LYS A 124 -0.63 -21.69 3.11
CA LYS A 124 0.18 -21.92 4.28
C LYS A 124 0.42 -20.63 5.14
N LEU A 125 0.30 -19.41 4.53
CA LEU A 125 0.56 -18.18 5.22
C LEU A 125 -0.74 -17.40 5.41
N TYR A 126 -0.75 -16.54 6.42
CA TYR A 126 -1.95 -15.77 6.75
C TYR A 126 -2.22 -14.71 5.67
N PRO A 127 -3.49 -14.50 5.36
CA PRO A 127 -3.82 -13.46 4.41
C PRO A 127 -3.42 -12.04 4.77
N PHE A 128 -3.43 -11.68 6.03
CA PHE A 128 -2.92 -10.38 6.48
C PHE A 128 -1.51 -10.16 6.08
N THR A 129 -0.73 -11.21 6.11
CA THR A 129 0.67 -11.09 5.77
C THR A 129 0.86 -11.01 4.24
N TRP A 130 0.08 -11.75 3.44
CA TRP A 130 0.20 -11.65 2.00
C TRP A 130 -0.21 -10.23 1.56
N ASP A 131 -1.16 -9.61 2.28
CA ASP A 131 -1.63 -8.29 1.87
C ASP A 131 -0.49 -7.28 2.00
N ALA A 132 0.37 -7.47 2.95
CA ALA A 132 1.46 -6.50 3.21
C ALA A 132 2.50 -6.52 2.10
N VAL A 133 2.55 -7.60 1.32
CA VAL A 133 3.53 -7.71 0.26
C VAL A 133 2.91 -7.63 -1.14
N ARG A 134 1.71 -7.09 -1.21
CA ARG A 134 1.10 -6.88 -2.49
C ARG A 134 1.33 -5.42 -2.85
N TYR A 135 1.65 -5.17 -4.10
CA TYR A 135 1.95 -3.85 -4.61
C TYR A 135 1.43 -3.63 -5.99
N ASN A 136 0.39 -2.78 -6.11
CA ASN A 136 -0.22 -2.47 -7.40
C ASN A 136 -0.56 -3.76 -8.14
N GLY A 137 -1.07 -4.70 -7.39
CA GLY A 137 -1.58 -5.92 -8.00
C GLY A 137 -0.65 -7.12 -8.04
N LYS A 138 0.63 -6.94 -7.72
CA LYS A 138 1.60 -8.03 -7.78
C LYS A 138 2.07 -8.35 -6.36
N LEU A 139 2.32 -9.63 -6.06
CA LEU A 139 3.10 -10.04 -4.90
C LEU A 139 4.58 -9.80 -5.22
N ILE A 140 5.25 -9.04 -4.37
CA ILE A 140 6.63 -8.64 -4.58
C ILE A 140 7.62 -9.10 -3.52
N ALA A 141 7.18 -9.97 -2.61
CA ALA A 141 8.04 -10.57 -1.59
C ALA A 141 7.24 -11.68 -0.89
N TYR A 142 7.96 -12.53 -0.19
CA TYR A 142 7.40 -13.50 0.72
C TYR A 142 7.35 -12.87 2.12
N PRO A 143 6.19 -12.92 2.76
CA PRO A 143 6.13 -12.42 4.13
C PRO A 143 6.60 -13.44 5.13
N ILE A 144 7.28 -13.02 6.17
CA ILE A 144 7.91 -13.92 7.13
C ILE A 144 7.24 -13.81 8.53
N ALA A 145 7.10 -12.59 9.03
CA ALA A 145 6.60 -12.39 10.37
C ALA A 145 6.09 -10.98 10.62
N VAL A 146 5.17 -10.89 11.55
CA VAL A 146 4.58 -9.64 11.97
C VAL A 146 5.29 -9.07 13.20
N GLU A 147 5.76 -7.84 13.04
CA GLU A 147 6.49 -7.11 14.09
C GLU A 147 5.67 -5.89 14.59
N ALA A 148 5.52 -5.78 15.91
CA ALA A 148 4.96 -4.62 16.55
C ALA A 148 5.78 -4.42 17.82
N LEU A 149 5.99 -3.16 18.14
CA LEU A 149 6.63 -2.74 19.40
C LEU A 149 5.70 -2.98 20.55
N SER A 150 6.31 -3.41 21.66
CA SER A 150 5.66 -3.50 22.96
C SER A 150 6.40 -2.79 24.05
N LEU A 151 5.71 -2.62 25.18
CA LEU A 151 6.36 -2.13 26.40
C LEU A 151 6.96 -3.32 27.11
N ILE A 152 8.29 -3.21 27.36
CA ILE A 152 9.02 -4.24 28.00
C ILE A 152 9.42 -3.70 29.37
N TYR A 153 9.14 -4.44 30.46
CA TYR A 153 9.34 -3.93 31.81
C TYR A 153 9.99 -4.97 32.71
N ASN A 154 10.73 -4.48 33.71
CA ASN A 154 11.47 -5.26 34.68
C ASN A 154 10.54 -5.44 35.87
N LYS A 155 10.05 -6.67 36.01
CA LYS A 155 9.06 -6.98 37.04
C LYS A 155 9.54 -6.86 38.50
N ASP A 156 10.86 -7.01 38.69
CA ASP A 156 11.49 -6.80 39.98
C ASP A 156 11.49 -5.35 40.35
N LEU A 157 11.79 -4.45 39.41
CA LEU A 157 11.74 -3.04 39.68
C LEU A 157 10.34 -2.46 39.61
N LEU A 158 9.46 -3.07 38.83
CA LEU A 158 8.19 -2.47 38.50
C LEU A 158 7.21 -3.59 38.25
N PRO A 159 6.65 -4.14 39.31
CA PRO A 159 5.79 -5.30 39.07
C PRO A 159 4.45 -4.97 38.36
N ASN A 160 3.96 -3.74 38.48
CA ASN A 160 2.75 -3.31 37.80
C ASN A 160 3.08 -2.15 36.88
N PRO A 161 3.16 -2.43 35.59
CA PRO A 161 3.66 -1.30 34.78
C PRO A 161 2.58 -0.23 34.49
N PRO A 162 3.02 0.96 34.05
CA PRO A 162 2.07 2.07 33.88
C PRO A 162 1.10 1.90 32.75
N LYS A 163 -0.11 2.43 32.91
CA LYS A 163 -1.12 2.36 31.88
C LYS A 163 -0.98 3.55 30.91
N THR A 164 -0.41 4.68 31.37
CA THR A 164 -0.39 5.94 30.63
C THR A 164 1.00 6.46 30.51
N TRP A 165 1.25 7.17 29.42
CA TRP A 165 2.49 7.97 29.27
C TRP A 165 2.55 9.03 30.37
N GLU A 166 1.37 9.63 30.66
CA GLU A 166 1.29 10.81 31.59
C GLU A 166 1.82 10.54 32.98
N GLU A 167 1.70 9.30 33.46
CA GLU A 167 2.25 8.94 34.77
C GLU A 167 3.74 8.60 34.79
N ILE A 168 4.40 8.53 33.63
CA ILE A 168 5.80 8.20 33.62
C ILE A 168 6.76 9.23 34.28
N PRO A 169 6.51 10.54 34.15
CA PRO A 169 7.40 11.48 34.83
C PRO A 169 7.46 11.25 36.32
N ALA A 170 6.30 11.02 36.93
CA ALA A 170 6.25 10.72 38.38
C ALA A 170 6.94 9.43 38.81
N LEU A 171 6.77 8.39 38.02
CA LEU A 171 7.43 7.10 38.22
C LEU A 171 8.92 7.26 38.09
N ASP A 172 9.34 8.04 37.14
CA ASP A 172 10.77 8.30 37.00
C ASP A 172 11.36 9.03 38.22
N LYS A 173 10.62 9.98 38.74
CA LYS A 173 11.13 10.70 39.91
C LYS A 173 11.30 9.78 41.09
N GLU A 174 10.33 8.90 41.31
CA GLU A 174 10.36 7.91 42.36
C GLU A 174 11.51 6.93 42.16
N LEU A 175 11.71 6.44 40.93
CA LEU A 175 12.82 5.53 40.63
C LEU A 175 14.20 6.16 40.73
N LYS A 176 14.30 7.41 40.33
CA LYS A 176 15.61 8.12 40.37
C LYS A 176 16.05 8.27 41.83
N ALA A 177 15.09 8.41 42.77
CA ALA A 177 15.41 8.52 44.21
C ALA A 177 16.02 7.22 44.72
N LYS A 178 15.81 6.14 43.97
CA LYS A 178 16.33 4.81 44.27
C LYS A 178 17.44 4.37 43.35
N GLY A 179 18.04 5.33 42.64
CA GLY A 179 19.11 5.05 41.67
C GLY A 179 18.80 4.36 40.36
N LYS A 180 17.55 4.41 39.89
CA LYS A 180 17.15 3.76 38.64
C LYS A 180 16.46 4.83 37.77
N SER A 181 15.98 4.46 36.62
CA SER A 181 15.14 5.36 35.83
C SER A 181 13.94 4.57 35.36
N ALA A 182 12.93 5.27 34.86
CA ALA A 182 11.72 4.66 34.40
C ALA A 182 11.87 4.04 33.05
N LEU A 183 12.38 4.79 32.08
CA LEU A 183 12.20 4.38 30.67
C LEU A 183 13.38 4.81 29.79
N MET A 184 13.89 3.87 28.98
CA MET A 184 14.91 4.18 27.98
C MET A 184 14.57 3.40 26.73
N PHE A 185 14.58 4.09 25.60
CA PHE A 185 14.36 3.48 24.31
C PHE A 185 15.04 4.34 23.22
N ASN A 186 15.17 3.76 22.05
CA ASN A 186 15.92 4.38 20.98
C ASN A 186 15.22 5.63 20.50
N LEU A 187 15.84 6.79 20.69
CA LEU A 187 15.21 8.04 20.24
C LEU A 187 15.76 8.53 18.85
N GLN A 188 16.67 7.78 18.27
CA GLN A 188 17.28 8.12 16.99
C GLN A 188 16.50 7.62 15.75
N GLU A 189 15.60 6.65 15.92
CA GLU A 189 14.86 6.11 14.78
C GLU A 189 13.37 6.37 15.04
N PRO A 190 12.71 7.04 14.14
CA PRO A 190 11.35 7.49 14.38
C PRO A 190 10.34 6.31 14.53
N TYR A 191 10.75 5.11 14.13
CA TYR A 191 9.92 3.91 14.41
C TYR A 191 9.48 3.82 15.89
N PHE A 192 10.42 4.11 16.79
CA PHE A 192 10.18 3.95 18.21
C PHE A 192 9.42 5.08 18.87
N THR A 193 9.44 6.29 18.30
CA THR A 193 8.63 7.42 18.79
CA THR A 193 8.62 7.42 18.79
C THR A 193 7.26 7.53 18.11
N TRP A 194 7.13 6.94 16.91
CA TRP A 194 5.87 7.00 16.22
C TRP A 194 4.62 6.52 17.00
N PRO A 195 4.71 5.44 17.81
CA PRO A 195 3.53 5.06 18.53
C PRO A 195 2.90 6.16 19.34
N LEU A 196 3.76 7.01 19.92
CA LEU A 196 3.29 8.12 20.76
C LEU A 196 2.77 9.33 19.91
N ILE A 197 3.44 9.57 18.80
CA ILE A 197 3.05 10.58 17.83
C ILE A 197 1.65 10.28 17.23
N ALA A 198 1.38 9.02 17.01
CA ALA A 198 0.16 8.62 16.32
C ALA A 198 -0.98 8.50 17.30
N ALA A 199 -0.67 8.38 18.59
CA ALA A 199 -1.69 8.04 19.60
C ALA A 199 -2.92 8.97 19.54
N ASP A 200 -2.68 10.27 19.59
CA ASP A 200 -3.78 11.24 19.62
C ASP A 200 -4.12 11.82 18.27
N GLY A 201 -3.61 11.22 17.17
CA GLY A 201 -4.10 11.57 15.83
C GLY A 201 -3.10 11.75 14.72
N GLY A 202 -1.80 11.70 15.03
CA GLY A 202 -0.74 11.75 14.04
C GLY A 202 -0.90 10.63 13.00
N TYR A 203 -0.58 10.88 11.74
CA TYR A 203 -0.57 9.86 10.70
C TYR A 203 0.39 10.16 9.56
N ALA A 204 0.79 9.13 8.81
CA ALA A 204 1.67 9.30 7.66
C ALA A 204 0.84 9.81 6.48
N PHE A 205 0.18 8.90 5.76
CA PHE A 205 -0.68 9.27 4.67
C PHE A 205 -2.11 8.85 4.97
N LYS A 206 -3.09 9.67 4.63
CA LYS A 206 -4.49 9.35 4.92
C LYS A 206 -5.01 8.20 4.05
N TYR A 207 -5.53 7.17 4.69
CA TYR A 207 -6.11 6.04 4.03
C TYR A 207 -7.40 6.45 3.36
N GLU A 208 -7.58 6.14 2.09
CA GLU A 208 -8.83 6.55 1.36
C GLU A 208 -9.93 5.59 1.82
N ASN A 209 -10.88 6.06 2.63
CA ASN A 209 -12.03 5.22 3.08
C ASN A 209 -13.16 5.15 1.98
N HIS A 210 -13.18 6.09 1.01
CA HIS A 210 -14.11 5.99 -0.16
C HIS A 210 -13.30 5.70 -1.42
N LEU A 211 -13.21 4.44 -1.79
CA LEU A 211 -12.50 4.03 -2.98
C LEU A 211 -13.31 4.22 -4.32
N SER A 212 -14.64 4.34 -4.28
CA SER A 212 -15.40 4.67 -5.52
C SER A 212 -15.21 6.14 -5.96
N HIS A 213 -15.17 6.32 -7.25
CA HIS A 213 -15.11 7.64 -7.81
C HIS A 213 -16.48 7.95 -8.44
N ASN A 214 -17.08 9.05 -8.08
CA ASN A 214 -18.43 9.47 -8.56
C ASN A 214 -18.38 10.42 -9.75
N VAL A 215 -19.05 10.04 -10.83
CA VAL A 215 -19.13 10.88 -12.01
C VAL A 215 -20.63 11.36 -12.14
N TYR A 216 -20.87 12.67 -12.19
CA TYR A 216 -22.23 13.18 -12.19
C TYR A 216 -22.70 13.27 -13.63
N ILE A 217 -23.86 12.68 -13.89
CA ILE A 217 -24.42 12.60 -15.22
C ILE A 217 -25.57 13.63 -15.26
N MET A 218 -25.67 14.39 -16.33
CA MET A 218 -26.74 15.35 -16.51
C MET A 218 -27.32 15.20 -17.87
N ALA A 219 -28.62 15.52 -18.01
CA ALA A 219 -29.22 15.47 -19.35
C ALA A 219 -28.62 16.59 -20.22
N ASP A 220 -28.50 16.32 -21.52
CA ASP A 220 -27.98 17.26 -22.55
C ASP A 220 -29.09 17.32 -23.61
N LYS A 221 -30.05 18.15 -23.34
CA LYS A 221 -31.33 18.12 -24.08
C LYS A 221 -31.19 18.43 -25.60
N GLN A 222 -30.28 19.33 -25.95
CA GLN A 222 -30.15 19.74 -27.34
C GLN A 222 -29.12 18.76 -28.05
N LYS A 223 -28.62 17.79 -27.35
CA LYS A 223 -27.98 16.69 -28.07
C LYS A 223 -28.78 15.42 -27.91
N ASN A 224 -29.93 15.54 -27.26
CA ASN A 224 -30.75 14.39 -27.00
C ASN A 224 -29.93 13.29 -26.34
N GLY A 225 -29.06 13.66 -25.38
CA GLY A 225 -28.15 12.70 -24.73
C GLY A 225 -27.78 13.15 -23.35
N ILE A 226 -26.52 12.90 -22.95
CA ILE A 226 -26.05 13.30 -21.63
C ILE A 226 -24.65 13.99 -21.72
N LYS A 227 -24.24 14.56 -20.60
CA LYS A 227 -22.92 15.21 -20.45
C LYS A 227 -22.47 14.94 -19.06
N ALA A 228 -21.19 15.10 -18.81
CA ALA A 228 -20.60 14.89 -17.51
C ALA A 228 -19.26 15.61 -17.51
N ASN A 229 -18.86 16.08 -16.32
CA ASN A 229 -17.51 16.54 -16.09
C ASN A 229 -16.94 16.09 -14.75
N PHE A 230 -15.69 15.66 -14.74
CA PHE A 230 -15.16 15.02 -13.53
C PHE A 230 -13.63 15.09 -13.63
N LYS A 231 -12.95 14.68 -12.60
CA LYS A 231 -11.50 14.68 -12.63
C LYS A 231 -10.95 13.41 -12.12
N ILE A 232 -9.81 13.03 -12.67
CA ILE A 232 -9.13 11.81 -12.26
C ILE A 232 -7.83 12.22 -11.66
N ARG A 233 -7.41 11.56 -10.57
CA ARG A 233 -6.09 11.83 -9.97
C ARG A 233 -5.14 10.69 -10.33
N HIS A 234 -3.95 11.03 -10.81
CA HIS A 234 -2.96 10.05 -11.17
C HIS A 234 -1.74 10.30 -10.33
N ASN A 235 -1.48 9.35 -9.42
CA ASN A 235 -0.28 9.53 -8.60
C ASN A 235 0.98 9.53 -9.50
N ILE A 236 1.92 10.43 -9.15
CA ILE A 236 3.18 10.56 -9.89
C ILE A 236 4.25 9.82 -9.06
N GLU A 237 5.13 9.14 -9.73
CA GLU A 237 6.22 8.40 -9.09
C GLU A 237 7.09 9.42 -8.33
N ASP A 238 7.37 9.15 -7.09
CA ASP A 238 8.25 10.09 -6.36
C ASP A 238 7.49 11.31 -5.82
N GLY A 239 6.20 11.37 -6.07
CA GLY A 239 5.27 12.05 -5.23
C GLY A 239 4.54 13.08 -6.02
N GLY A 240 3.46 13.54 -5.49
CA GLY A 240 2.71 14.51 -6.31
C GLY A 240 1.60 13.78 -7.03
N VAL A 241 0.62 14.56 -7.46
CA VAL A 241 -0.53 14.03 -8.16
C VAL A 241 -0.74 14.85 -9.47
N GLN A 242 -0.94 14.10 -10.55
CA GLN A 242 -1.25 14.62 -11.90
C GLN A 242 -2.76 14.58 -12.13
N LEU A 243 -3.37 15.76 -12.28
CA LEU A 243 -4.80 15.81 -12.47
C LEU A 243 -5.16 15.72 -13.97
N ALA A 244 -6.27 15.06 -14.28
CA ALA A 244 -6.78 14.91 -15.63
C ALA A 244 -8.28 15.34 -15.60
N TYR A 245 -8.58 16.54 -16.09
CA TYR A 245 -9.94 17.06 -16.05
C TYR A 245 -10.70 16.56 -17.28
N HIS A 246 -11.78 15.85 -17.06
CA HIS A 246 -12.52 15.18 -18.12
C HIS A 246 -13.86 15.94 -18.43
N TYR A 247 -14.17 16.12 -19.71
CA TYR A 247 -15.41 16.78 -20.14
C TYR A 247 -15.99 15.86 -21.21
N GLN A 248 -17.21 15.40 -21.00
CA GLN A 248 -17.86 14.33 -21.75
C GLN A 248 -19.25 14.71 -22.28
N GLN A 249 -19.49 14.27 -23.49
CA GLN A 249 -20.82 14.43 -24.15
C GLN A 249 -21.16 13.13 -24.85
N ASN A 250 -22.41 12.66 -24.70
CA ASN A 250 -22.84 11.45 -25.39
C ASN A 250 -24.13 11.74 -26.16
N THR A 251 -24.21 11.16 -27.34
CA THR A 251 -25.28 11.44 -28.34
C THR A 251 -25.71 10.10 -28.90
N PRO A 252 -27.04 9.85 -29.03
CA PRO A 252 -27.44 8.60 -29.63
C PRO A 252 -27.11 8.49 -31.12
N ILE A 253 -26.75 7.29 -31.59
CA ILE A 253 -26.48 7.10 -33.01
C ILE A 253 -27.82 7.00 -33.76
N GLY A 254 -28.79 6.33 -33.15
CA GLY A 254 -30.09 6.04 -33.81
C GLY A 254 -31.04 7.21 -33.65
N ASP A 255 -32.18 7.12 -34.34
CA ASP A 255 -33.25 8.08 -34.28
C ASP A 255 -34.39 7.67 -33.31
N GLY A 256 -34.29 6.45 -32.78
CA GLY A 256 -35.30 5.94 -31.82
C GLY A 256 -35.18 6.66 -30.48
N PRO A 257 -36.25 6.63 -29.66
CA PRO A 257 -36.34 7.46 -28.47
C PRO A 257 -35.30 7.00 -27.47
N VAL A 258 -34.77 7.91 -26.68
CA VAL A 258 -33.88 7.51 -25.63
C VAL A 258 -34.40 8.04 -24.30
N LEU A 259 -33.81 7.57 -23.22
CA LEU A 259 -34.15 8.08 -21.91
C LEU A 259 -33.21 9.28 -21.57
N LEU A 260 -33.76 10.47 -21.28
CA LEU A 260 -32.94 11.57 -20.80
C LEU A 260 -33.00 11.70 -19.28
N PRO A 261 -31.90 11.60 -18.58
CA PRO A 261 -32.02 11.37 -17.15
C PRO A 261 -32.21 12.59 -16.29
N ASP A 262 -32.77 12.41 -15.08
CA ASP A 262 -32.61 13.41 -14.03
C ASP A 262 -31.14 13.30 -13.56
N ASN A 263 -30.63 14.33 -12.91
CA ASN A 263 -29.28 14.29 -12.41
C ASN A 263 -29.08 13.11 -11.48
N HIS A 264 -27.92 12.46 -11.66
CA HIS A 264 -27.50 11.35 -10.83
C HIS A 264 -26.02 11.15 -10.97
N TYR A 265 -25.49 10.12 -10.30
CA TYR A 265 -24.07 9.76 -10.50
C TYR A 265 -23.85 8.27 -10.71
N LEU A 266 -22.68 7.99 -11.29
CA LEU A 266 -22.15 6.67 -11.45
C LEU A 266 -20.95 6.57 -10.50
N SER A 267 -20.99 5.55 -9.65
CA SER A 267 -19.94 5.33 -8.66
C SER A 267 -19.07 4.16 -9.18
N THR A 268 -17.77 4.44 -9.47
CA THR A 268 -16.89 3.50 -10.14
C THR A 268 -15.67 3.13 -9.29
N GLN A 269 -15.38 1.85 -9.13
CA GLN A 269 -14.12 1.43 -8.55
C GLN A 269 -13.38 0.61 -9.62
N SER A 270 -12.06 0.85 -9.71
CA SER A 270 -11.25 0.20 -10.73
C SER A 270 -10.05 -0.46 -10.12
N LYS A 271 -9.61 -1.57 -10.67
CA LYS A 271 -8.41 -2.25 -10.19
C LYS A 271 -7.60 -2.64 -11.40
N LEU A 272 -6.36 -2.18 -11.43
CA LEU A 272 -5.43 -2.41 -12.49
C LEU A 272 -4.42 -3.49 -12.12
N SER A 273 -4.21 -4.44 -13.00
CA SER A 273 -3.29 -5.52 -12.73
C SER A 273 -2.64 -5.99 -14.01
N LYS A 274 -1.87 -7.08 -13.91
CA LYS A 274 -1.14 -7.59 -15.05
C LYS A 274 -1.34 -9.10 -15.20
N ASP A 275 -1.05 -9.64 -16.38
CA ASP A 275 -1.20 -11.06 -16.67
C ASP A 275 0.20 -11.61 -16.70
N PRO A 276 0.58 -12.43 -15.72
CA PRO A 276 1.96 -12.90 -15.69
C PRO A 276 2.44 -13.63 -16.96
N ASN A 277 1.49 -14.17 -17.74
CA ASN A 277 1.87 -14.88 -18.96
C ASN A 277 1.91 -14.06 -20.22
N GLU A 278 1.64 -12.77 -20.08
CA GLU A 278 1.51 -11.92 -21.26
C GLU A 278 2.80 -11.14 -21.51
N LYS A 279 3.37 -11.24 -22.70
CA LYS A 279 4.67 -10.64 -22.94
C LYS A 279 4.53 -9.25 -23.48
N ARG A 280 3.47 -8.98 -24.24
CA ARG A 280 3.25 -7.61 -24.78
C ARG A 280 2.86 -6.59 -23.71
N ASP A 281 2.95 -5.32 -24.06
CA ASP A 281 2.52 -4.26 -23.14
C ASP A 281 1.01 -4.36 -22.99
N HIS A 282 0.52 -4.43 -21.77
CA HIS A 282 -0.87 -4.69 -21.53
C HIS A 282 -1.37 -4.19 -20.18
N MET A 283 -2.70 -4.23 -20.05
CA MET A 283 -3.36 -3.86 -18.79
C MET A 283 -4.56 -4.75 -18.60
N VAL A 284 -4.60 -5.36 -17.41
CA VAL A 284 -5.81 -6.03 -16.95
C VAL A 284 -6.65 -5.12 -16.07
N LEU A 285 -7.96 -5.06 -16.33
CA LEU A 285 -8.82 -4.08 -15.65
C LEU A 285 -10.03 -4.82 -15.12
N LEU A 286 -10.34 -4.58 -13.85
CA LEU A 286 -11.60 -5.00 -13.21
C LEU A 286 -12.31 -3.72 -12.73
N GLU A 287 -13.59 -3.53 -13.08
CA GLU A 287 -14.30 -2.38 -12.63
C GLU A 287 -15.68 -2.74 -12.16
N PHE A 288 -16.17 -2.03 -11.15
CA PHE A 288 -17.54 -2.17 -10.68
C PHE A 288 -18.16 -0.80 -10.65
N VAL A 289 -19.35 -0.68 -11.25
CA VAL A 289 -20.00 0.64 -11.45
C VAL A 289 -21.48 0.53 -11.07
N THR A 290 -21.93 1.39 -10.13
CA THR A 290 -23.33 1.47 -9.72
C THR A 290 -23.79 2.90 -9.80
N ALA A 291 -24.98 3.09 -10.33
CA ALA A 291 -25.65 4.37 -10.31
C ALA A 291 -26.28 4.61 -8.95
N ALA A 292 -26.34 5.88 -8.60
CA ALA A 292 -26.89 6.31 -7.33
C ALA A 292 -27.22 7.80 -7.42
N GLY A 293 -27.71 8.32 -6.32
CA GLY A 293 -27.95 9.76 -6.20
C GLY A 293 -29.38 10.24 -6.27
N ILE A 294 -30.34 9.32 -6.43
CA ILE A 294 -31.75 9.66 -6.35
C ILE A 294 -32.37 8.75 -5.27
N THR A 295 -32.91 9.27 -4.19
CA THR A 295 -33.49 8.38 -3.18
C THR A 295 -35.01 8.33 -3.50
N LEU A 296 -35.61 7.18 -3.31
CA LEU A 296 -37.01 7.02 -3.51
C LEU A 296 -37.76 7.80 -2.45
N GLY A 297 -38.81 8.50 -2.82
CA GLY A 297 -39.57 9.30 -1.88
C GLY A 297 -40.61 8.46 -1.21
N MET A 298 -41.09 8.90 -0.05
CA MET A 298 -42.17 8.24 0.60
C MET A 298 -43.49 8.27 -0.22
N ASP A 299 -43.64 9.28 -1.05
CA ASP A 299 -44.83 9.37 -1.93
C ASP A 299 -44.87 8.15 -2.86
N GLU A 300 -43.69 7.59 -3.19
CA GLU A 300 -43.64 6.45 -4.13
C GLU A 300 -44.02 5.18 -3.44
N LEU A 301 -44.02 5.11 -2.11
CA LEU A 301 -44.59 3.96 -1.44
C LEU A 301 -46.07 4.06 -1.19
N TYR A 302 -46.66 5.26 -1.27
CA TYR A 302 -48.03 5.41 -0.86
C TYR A 302 -48.88 4.71 -1.92
N LYS A 303 -49.76 3.82 -1.49
CA LYS A 303 -50.52 2.97 -2.42
C LYS A 303 -49.65 2.45 -3.59
N GLY A 304 -48.34 2.24 -3.36
CA GLY A 304 -47.43 1.63 -4.43
C GLY A 304 -47.21 0.13 -4.32
N VAL A 311 -38.62 0.27 -17.67
CA VAL A 311 -37.39 -0.28 -18.32
C VAL A 311 -37.34 -0.23 -19.87
N SER A 312 -36.26 0.34 -20.42
CA SER A 312 -36.12 0.43 -21.90
C SER A 312 -35.93 -0.96 -22.58
N LYS A 313 -36.21 -1.01 -23.88
CA LYS A 313 -35.97 -2.22 -24.73
C LYS A 313 -34.47 -2.55 -24.83
N GLY A 314 -33.66 -1.53 -24.90
CA GLY A 314 -32.19 -1.76 -24.90
C GLY A 314 -31.71 -2.48 -23.65
N GLU A 315 -32.39 -2.25 -22.52
CA GLU A 315 -31.98 -2.87 -21.29
C GLU A 315 -32.04 -4.42 -21.35
N GLU A 316 -32.97 -4.94 -22.15
CA GLU A 316 -33.11 -6.38 -22.38
C GLU A 316 -31.81 -7.00 -22.88
N LEU A 317 -30.98 -6.22 -23.57
CA LEU A 317 -29.69 -6.73 -24.15
C LEU A 317 -28.60 -6.96 -23.07
N PHE A 318 -28.85 -6.46 -21.86
CA PHE A 318 -27.88 -6.51 -20.77
C PHE A 318 -28.32 -7.42 -19.60
N THR A 319 -29.24 -8.36 -19.81
CA THR A 319 -29.71 -9.15 -18.63
C THR A 319 -28.70 -10.22 -18.16
N GLY A 320 -27.73 -10.58 -19.01
CA GLY A 320 -26.71 -11.54 -18.63
C GLY A 320 -25.29 -11.05 -18.97
N VAL A 321 -24.36 -12.01 -19.11
CA VAL A 321 -22.98 -11.70 -19.51
C VAL A 321 -22.93 -11.30 -21.01
N VAL A 322 -22.27 -10.19 -21.34
CA VAL A 322 -22.16 -9.71 -22.69
C VAL A 322 -20.67 -9.59 -23.04
N PRO A 323 -20.24 -10.19 -24.17
CA PRO A 323 -18.85 -10.05 -24.54
C PRO A 323 -18.55 -8.66 -24.97
N ILE A 324 -17.33 -8.22 -24.69
CA ILE A 324 -16.91 -6.87 -25.07
C ILE A 324 -15.66 -6.90 -25.96
N LEU A 325 -15.66 -6.02 -26.95
CA LEU A 325 -14.45 -5.73 -27.69
C LEU A 325 -14.18 -4.26 -27.69
N VAL A 326 -12.89 -3.88 -27.50
CA VAL A 326 -12.48 -2.49 -27.52
C VAL A 326 -11.33 -2.32 -28.55
N GLU A 327 -11.41 -1.23 -29.33
CA GLU A 327 -10.36 -0.92 -30.29
C GLU A 327 -10.12 0.57 -30.25
N LEU A 328 -8.86 0.95 -30.09
CA LEU A 328 -8.48 2.36 -29.94
C LEU A 328 -7.33 2.61 -30.91
N ASP A 329 -7.50 3.60 -31.80
CA ASP A 329 -6.39 4.10 -32.60
C ASP A 329 -6.01 5.46 -32.09
N GLY A 330 -4.75 5.64 -31.74
CA GLY A 330 -4.35 6.87 -31.05
C GLY A 330 -3.14 7.55 -31.70
N ASP A 331 -3.00 8.84 -31.47
CA ASP A 331 -1.84 9.61 -31.92
C ASP A 331 -1.64 10.71 -30.91
N VAL A 332 -0.53 10.65 -30.18
CA VAL A 332 -0.21 11.58 -29.14
C VAL A 332 1.12 12.23 -29.50
N ASN A 333 1.11 13.54 -29.71
CA ASN A 333 2.29 14.27 -30.19
C ASN A 333 2.96 13.53 -31.37
N GLY A 334 2.17 12.98 -32.27
CA GLY A 334 2.73 12.26 -33.44
C GLY A 334 3.12 10.79 -33.18
N HIS A 335 3.10 10.37 -31.92
CA HIS A 335 3.39 8.96 -31.57
C HIS A 335 2.08 8.19 -31.78
N LYS A 336 2.05 7.39 -32.85
CA LYS A 336 0.90 6.64 -33.26
C LYS A 336 0.90 5.26 -32.57
N PHE A 337 -0.28 4.77 -32.16
CA PHE A 337 -0.36 3.50 -31.42
C PHE A 337 -1.77 2.94 -31.57
N SER A 338 -1.90 1.63 -31.34
CA SER A 338 -3.19 0.97 -31.26
C SER A 338 -3.32 0.06 -30.04
N VAL A 339 -4.53 0.04 -29.48
CA VAL A 339 -4.86 -0.82 -28.39
C VAL A 339 -6.08 -1.66 -28.72
N SER A 340 -6.02 -2.96 -28.40
CA SER A 340 -7.17 -3.76 -28.53
C SER A 340 -7.49 -4.36 -27.16
N GLY A 341 -8.79 -4.52 -26.89
CA GLY A 341 -9.22 -5.11 -25.63
C GLY A 341 -10.37 -6.07 -25.87
N GLU A 342 -10.51 -6.99 -24.95
CA GLU A 342 -11.55 -7.96 -24.99
C GLU A 342 -11.84 -8.41 -23.55
N GLY A 343 -13.08 -8.78 -23.35
CA GLY A 343 -13.53 -9.39 -22.10
C GLY A 343 -15.03 -9.44 -22.04
N GLU A 344 -15.61 -9.07 -20.90
CA GLU A 344 -17.04 -9.21 -20.78
C GLU A 344 -17.59 -8.28 -19.70
N GLY A 345 -18.85 -7.95 -19.87
CA GLY A 345 -19.57 -7.13 -18.93
C GLY A 345 -20.80 -7.83 -18.41
N ASP A 346 -21.17 -7.49 -17.18
CA ASP A 346 -22.39 -7.99 -16.54
C ASP A 346 -23.04 -6.86 -15.77
N ALA A 347 -24.01 -6.22 -16.41
CA ALA A 347 -24.63 -5.04 -15.81
C ALA A 347 -25.43 -5.35 -14.56
N THR A 348 -25.91 -6.61 -14.38
CA THR A 348 -26.61 -6.96 -13.17
C THR A 348 -25.70 -6.85 -11.92
N TYR A 349 -24.41 -6.98 -12.12
CA TYR A 349 -23.42 -6.63 -11.07
C TYR A 349 -22.68 -5.33 -11.26
N GLY A 350 -22.89 -4.60 -12.37
CA GLY A 350 -22.03 -3.45 -12.73
C GLY A 350 -20.54 -3.79 -13.01
N LYS A 351 -20.27 -5.00 -13.42
CA LYS A 351 -18.91 -5.52 -13.49
C LYS A 351 -18.38 -5.63 -14.90
N LEU A 352 -17.15 -5.17 -15.06
CA LEU A 352 -16.42 -5.30 -16.28
C LEU A 352 -15.12 -6.04 -15.96
N THR A 353 -14.73 -6.95 -16.86
CA THR A 353 -13.43 -7.65 -16.75
C THR A 353 -12.86 -7.64 -18.14
N LEU A 354 -11.72 -6.94 -18.33
CA LEU A 354 -11.13 -6.72 -19.64
C LEU A 354 -9.62 -6.83 -19.55
N LYS A 355 -9.03 -7.30 -20.64
CA LYS A 355 -7.60 -7.24 -20.92
C LYS A 355 -7.30 -6.42 -22.18
N PHE A 356 -6.39 -5.49 -22.05
CA PHE A 356 -5.98 -4.62 -23.17
C PHE A 356 -4.56 -4.90 -23.52
N ILE A 357 -4.27 -4.83 -24.80
CA ILE A 357 -2.92 -5.01 -25.35
C ILE A 357 -2.60 -3.84 -26.28
N CYS A 358 -1.39 -3.29 -26.19
CA CYS A 358 -0.88 -2.35 -27.16
C CYS A 358 -0.32 -3.17 -28.31
N THR A 359 -1.00 -3.16 -29.44
CA THR A 359 -0.67 -4.03 -30.53
C THR A 359 0.48 -3.46 -31.37
N THR A 360 0.95 -2.26 -31.09
CA THR A 360 2.00 -1.61 -31.86
C THR A 360 3.35 -1.58 -31.14
N GLY A 361 3.46 -2.26 -29.98
CA GLY A 361 4.71 -2.29 -29.21
C GLY A 361 4.50 -1.58 -27.87
N LYS A 362 5.38 -0.66 -27.53
CA LYS A 362 5.32 -0.02 -26.25
C LYS A 362 4.24 1.09 -26.32
N LEU A 363 3.28 1.08 -25.39
CA LEU A 363 2.31 2.20 -25.28
C LEU A 363 3.10 3.47 -24.99
N PRO A 364 2.89 4.55 -25.75
CA PRO A 364 3.63 5.79 -25.52
C PRO A 364 3.04 6.71 -24.44
N VAL A 365 1.91 6.34 -23.83
CA VAL A 365 1.39 7.04 -22.67
C VAL A 365 1.17 6.00 -21.54
N PRO A 366 0.96 6.44 -20.31
CA PRO A 366 0.82 5.39 -19.25
C PRO A 366 -0.54 4.75 -19.31
N TRP A 367 -0.64 3.44 -19.06
CA TRP A 367 -1.97 2.78 -19.10
C TRP A 367 -3.08 3.45 -18.28
N PRO A 368 -2.77 3.93 -17.05
CA PRO A 368 -3.85 4.54 -16.26
C PRO A 368 -4.49 5.72 -16.92
N THR A 369 -3.79 6.44 -17.83
CA THR A 369 -4.36 7.61 -18.49
C THR A 369 -5.36 7.26 -19.57
N LEU A 370 -5.46 5.97 -19.94
CA LEU A 370 -6.44 5.51 -20.96
C LEU A 370 -7.65 4.79 -20.38
N VAL A 371 -7.66 4.50 -19.06
CA VAL A 371 -8.77 3.76 -18.44
C VAL A 371 -10.13 4.37 -18.80
N THR A 372 -10.27 5.69 -18.61
CA THR A 372 -11.60 6.26 -18.82
C THR A 372 -12.03 6.17 -20.29
N THR A 373 -11.06 6.27 -21.21
CA THR A 373 -11.36 6.23 -22.59
C THR A 373 -11.74 4.82 -23.04
N LEU A 374 -11.00 3.86 -22.52
CA LEU A 374 -11.27 2.46 -22.83
C LEU A 374 -12.57 1.84 -22.20
N VAL A 376 -17.38 2.21 -21.36
CA VAL A 376 -18.65 1.44 -21.67
C VAL A 376 -19.64 1.51 -20.53
N GLN A 377 -20.11 2.75 -20.27
CA GLN A 377 -20.94 3.05 -19.10
C GLN A 377 -22.35 2.37 -19.22
N CYS A 378 -22.66 1.80 -20.38
CA CYS A 378 -23.84 0.95 -20.50
C CYS A 378 -23.78 -0.26 -19.54
N PHE A 379 -22.60 -0.61 -19.00
CA PHE A 379 -22.53 -1.75 -18.04
C PHE A 379 -22.77 -1.40 -16.62
N SER A 380 -23.07 -0.10 -16.39
CA SER A 380 -23.43 0.37 -15.03
C SER A 380 -24.66 -0.38 -14.46
N ARG A 381 -24.63 -0.67 -13.16
CA ARG A 381 -25.83 -1.23 -12.52
C ARG A 381 -26.72 -0.11 -12.05
N TYR A 382 -27.88 0.06 -12.68
CA TYR A 382 -28.90 1.04 -12.22
C TYR A 382 -29.87 0.32 -11.33
N PRO A 383 -30.07 0.83 -10.13
CA PRO A 383 -31.18 0.22 -9.30
C PRO A 383 -32.52 0.29 -10.01
N ASP A 384 -33.40 -0.64 -9.71
CA ASP A 384 -34.69 -0.70 -10.40
C ASP A 384 -35.46 0.63 -10.43
N HIS A 385 -35.50 1.32 -9.32
CA HIS A 385 -36.22 2.57 -9.26
C HIS A 385 -35.56 3.70 -10.10
N MET A 386 -34.30 3.51 -10.51
CA MET A 386 -33.57 4.50 -11.33
C MET A 386 -33.51 4.13 -12.81
N LYS A 387 -34.09 3.00 -13.19
CA LYS A 387 -33.80 2.53 -14.57
C LYS A 387 -34.35 3.42 -15.66
N GLN A 388 -35.30 4.30 -15.37
CA GLN A 388 -35.79 5.25 -16.37
C GLN A 388 -34.75 6.34 -16.61
N HIS A 389 -33.63 6.29 -15.89
CA HIS A 389 -32.60 7.34 -16.06
C HIS A 389 -31.36 6.79 -16.79
N ASP A 390 -31.45 5.58 -17.32
CA ASP A 390 -30.29 4.90 -17.91
C ASP A 390 -30.27 5.15 -19.42
N PHE A 391 -29.65 6.29 -19.78
CA PHE A 391 -29.51 6.72 -21.15
C PHE A 391 -28.74 5.69 -21.95
N PHE A 392 -27.69 5.16 -21.34
CA PHE A 392 -26.69 4.36 -22.08
C PHE A 392 -27.28 3.11 -22.66
N LYS A 393 -28.03 2.38 -21.83
CA LYS A 393 -28.69 1.17 -22.37
C LYS A 393 -29.87 1.54 -23.29
N SER A 394 -30.60 2.62 -23.02
CA SER A 394 -31.76 3.04 -23.84
C SER A 394 -31.36 3.26 -25.32
N ALA A 395 -30.11 3.66 -25.55
CA ALA A 395 -29.55 3.92 -26.86
C ALA A 395 -29.18 2.65 -27.67
N MET A 396 -29.17 1.51 -27.02
CA MET A 396 -28.80 0.27 -27.68
C MET A 396 -30.04 -0.40 -28.37
N PRO A 397 -29.80 -1.16 -29.42
CA PRO A 397 -28.48 -1.61 -29.93
C PRO A 397 -27.69 -0.68 -30.89
N GLU A 398 -28.35 0.36 -31.40
CA GLU A 398 -27.78 1.24 -32.41
C GLU A 398 -26.56 2.00 -31.80
N GLY A 399 -26.71 2.37 -30.53
CA GLY A 399 -25.56 2.85 -29.72
C GLY A 399 -25.50 4.33 -29.58
N TYR A 400 -24.36 4.77 -29.02
CA TYR A 400 -24.09 6.16 -28.86
C TYR A 400 -22.66 6.53 -29.22
N ILE A 401 -22.51 7.83 -29.54
CA ILE A 401 -21.22 8.48 -29.67
C ILE A 401 -20.81 9.05 -28.31
N GLN A 402 -19.59 8.80 -27.92
CA GLN A 402 -19.06 9.31 -26.68
C GLN A 402 -17.85 10.18 -27.04
N GLU A 403 -17.90 11.46 -26.71
CA GLU A 403 -16.84 12.42 -26.98
C GLU A 403 -16.29 13.01 -25.69
N ARG A 404 -14.96 13.02 -25.56
CA ARG A 404 -14.37 13.75 -24.45
C ARG A 404 -13.20 14.67 -24.85
N THR A 405 -12.91 15.60 -23.97
CA THR A 405 -11.60 16.27 -23.98
C THR A 405 -11.12 16.04 -22.58
N ILE A 406 -9.86 15.66 -22.46
CA ILE A 406 -9.23 15.38 -21.22
C ILE A 406 -7.99 16.24 -21.12
N PHE A 407 -8.04 17.22 -20.20
CA PHE A 407 -6.93 18.14 -19.98
C PHE A 407 -6.03 17.64 -18.80
N PHE A 408 -4.82 17.29 -19.09
CA PHE A 408 -3.80 16.96 -18.10
C PHE A 408 -3.17 18.25 -17.66
N LYS A 409 -3.36 18.59 -16.39
CA LYS A 409 -2.93 19.84 -15.87
C LYS A 409 -1.44 20.03 -16.05
N ASP A 410 -1.06 21.17 -16.63
CA ASP A 410 0.31 21.54 -16.92
C ASP A 410 0.94 20.54 -17.84
N ASP A 411 0.14 20.01 -18.76
CA ASP A 411 0.66 19.12 -19.77
C ASP A 411 -0.31 19.15 -20.95
N GLY A 412 -0.34 18.10 -21.76
CA GLY A 412 -1.24 18.08 -22.93
C GLY A 412 -2.69 17.70 -22.69
N ASN A 413 -3.41 17.56 -23.79
CA ASN A 413 -4.78 17.08 -23.74
C ASN A 413 -5.08 15.96 -24.74
N TYR A 414 -5.99 15.07 -24.35
CA TYR A 414 -6.60 14.08 -25.23
C TYR A 414 -7.94 14.56 -25.71
N LYS A 415 -8.24 14.31 -26.98
CA LYS A 415 -9.61 14.45 -27.51
C LYS A 415 -9.98 13.13 -28.07
N THR A 416 -11.12 12.60 -27.62
CA THR A 416 -11.52 11.22 -27.96
C THR A 416 -12.95 11.25 -28.57
N ARG A 417 -13.15 10.43 -29.56
CA ARG A 417 -14.48 10.18 -30.12
C ARG A 417 -14.64 8.66 -30.27
N ALA A 418 -15.69 8.12 -29.65
CA ALA A 418 -15.95 6.70 -29.64
C ALA A 418 -17.40 6.39 -30.08
N GLU A 419 -17.57 5.26 -30.76
CA GLU A 419 -18.86 4.69 -31.08
C GLU A 419 -19.01 3.46 -30.18
N VAL A 420 -20.04 3.43 -29.35
CA VAL A 420 -20.29 2.28 -28.44
C VAL A 420 -21.62 1.70 -28.92
N LYS A 421 -21.54 0.49 -29.49
CA LYS A 421 -22.75 -0.16 -30.08
C LYS A 421 -22.61 -1.68 -30.14
N PHE A 422 -23.72 -2.37 -30.36
CA PHE A 422 -23.69 -3.77 -30.56
C PHE A 422 -23.31 -4.06 -32.01
N GLU A 423 -22.31 -4.92 -32.19
CA GLU A 423 -22.00 -5.62 -33.49
C GLU A 423 -22.26 -7.11 -33.24
N GLY A 424 -23.40 -7.59 -33.72
CA GLY A 424 -23.91 -8.91 -33.29
C GLY A 424 -24.18 -9.03 -31.82
N ASP A 425 -23.70 -10.09 -31.19
CA ASP A 425 -23.81 -10.34 -29.75
CA ASP A 425 -23.97 -10.17 -29.75
C ASP A 425 -22.87 -9.51 -28.88
N THR A 426 -21.90 -8.84 -29.51
CA THR A 426 -20.76 -8.17 -28.76
C THR A 426 -20.98 -6.67 -28.66
N LEU A 427 -20.69 -6.11 -27.48
CA LEU A 427 -20.74 -4.66 -27.30
C LEU A 427 -19.33 -4.21 -27.68
N VAL A 428 -19.26 -3.29 -28.65
CA VAL A 428 -17.98 -2.78 -29.16
C VAL A 428 -17.83 -1.30 -28.85
N ASN A 429 -16.66 -0.96 -28.30
CA ASN A 429 -16.23 0.40 -28.10
C ASN A 429 -15.08 0.68 -29.09
N ARG A 430 -15.33 1.49 -30.12
CA ARG A 430 -14.32 1.85 -31.12
C ARG A 430 -13.99 3.30 -30.97
N ILE A 431 -12.72 3.59 -30.71
CA ILE A 431 -12.26 4.91 -30.28
C ILE A 431 -11.17 5.46 -31.16
N GLU A 432 -11.25 6.77 -31.42
CA GLU A 432 -10.13 7.56 -31.99
C GLU A 432 -9.69 8.55 -30.92
N LEU A 433 -8.39 8.61 -30.68
CA LEU A 433 -7.77 9.50 -29.68
C LEU A 433 -6.71 10.34 -30.33
N LYS A 434 -6.77 11.64 -30.08
CA LYS A 434 -5.72 12.56 -30.56
C LYS A 434 -5.24 13.35 -29.35
N GLY A 435 -3.96 13.21 -29.07
CA GLY A 435 -3.23 13.97 -28.04
C GLY A 435 -2.28 15.03 -28.58
N ILE A 436 -2.37 16.24 -28.06
CA ILE A 436 -1.47 17.30 -28.48
C ILE A 436 -0.90 18.04 -27.28
N ASP A 437 0.18 18.77 -27.52
CA ASP A 437 0.75 19.73 -26.55
C ASP A 437 1.30 19.04 -25.30
N PHE A 438 1.78 17.80 -25.47
CA PHE A 438 2.39 17.06 -24.37
C PHE A 438 3.88 17.35 -24.26
N LYS A 439 4.41 17.28 -23.06
CA LYS A 439 5.85 17.44 -22.81
C LYS A 439 6.50 16.11 -23.01
N GLU A 440 7.55 16.04 -23.83
CA GLU A 440 8.13 14.73 -24.18
C GLU A 440 8.78 14.07 -23.01
N ASP A 441 9.19 14.88 -22.03
CA ASP A 441 9.86 14.55 -20.78
C ASP A 441 8.91 14.72 -19.59
N GLY A 442 7.61 14.89 -19.85
CA GLY A 442 6.69 15.18 -18.76
C GLY A 442 6.12 13.86 -18.17
N ASN A 443 5.09 13.97 -17.35
CA ASN A 443 4.61 12.79 -16.63
C ASN A 443 3.94 11.76 -17.52
N ILE A 444 3.40 12.19 -18.64
CA ILE A 444 2.64 11.29 -19.50
C ILE A 444 3.59 10.61 -20.52
N LEU A 445 4.21 11.38 -21.43
CA LEU A 445 5.15 10.78 -22.38
C LEU A 445 6.45 10.22 -21.76
N GLY A 446 6.78 10.65 -20.56
CA GLY A 446 7.92 10.13 -19.82
C GLY A 446 7.62 8.95 -18.92
N HIS A 447 6.35 8.52 -18.89
CA HIS A 447 5.92 7.40 -18.12
C HIS A 447 6.27 7.56 -16.63
N LYS A 448 5.77 8.61 -15.98
CA LYS A 448 6.13 8.88 -14.61
C LYS A 448 4.96 8.64 -13.66
N LEU A 449 3.93 7.94 -14.11
CA LEU A 449 2.73 7.71 -13.30
C LEU A 449 2.71 6.29 -12.67
N GLU A 450 2.30 6.22 -11.40
CA GLU A 450 2.17 4.94 -10.74
C GLU A 450 1.15 4.09 -11.47
N TYR A 451 1.33 2.79 -11.33
CA TYR A 451 0.37 1.83 -11.90
C TYR A 451 -0.79 1.55 -10.95
N ASN A 452 -1.69 2.51 -10.83
CA ASN A 452 -2.87 2.40 -9.97
C ASN A 452 -3.80 3.50 -10.47
N PHE A 453 -4.91 3.68 -9.82
CA PHE A 453 -5.95 4.56 -10.37
C PHE A 453 -6.54 5.48 -9.29
N ASN A 454 -6.76 6.74 -9.68
CA ASN A 454 -7.49 7.77 -8.92
C ASN A 454 -6.98 8.01 -7.55
N GLY A 455 -5.66 7.90 -7.43
CA GLY A 455 -4.95 8.15 -6.15
C GLY A 455 -4.57 6.88 -5.40
N GLY A 456 -5.06 5.72 -5.83
CA GLY A 456 -4.78 4.44 -5.09
C GLY A 456 -5.40 4.35 -3.71
N LYS A 457 -4.72 3.73 -2.78
CA LYS A 457 -5.32 3.44 -1.45
C LYS A 457 -5.04 4.46 -0.41
N TYR A 458 -4.06 5.35 -0.66
CA TYR A 458 -3.69 6.49 0.22
C TYR A 458 -3.69 7.79 -0.53
N ASP A 459 -4.19 8.84 0.11
CA ASP A 459 -4.10 10.19 -0.40
C ASP A 459 -2.70 10.71 -0.07
N ILE A 460 -1.83 10.70 -1.07
CA ILE A 460 -0.43 11.01 -0.83
C ILE A 460 -0.25 12.50 -0.71
N LYS A 461 -1.34 13.27 -0.85
CA LYS A 461 -1.29 14.71 -0.57
C LYS A 461 -1.77 15.04 0.83
N ASP A 462 -2.28 14.06 1.54
CA ASP A 462 -2.83 14.30 2.86
C ASP A 462 -1.94 13.65 3.89
N VAL A 463 -1.03 14.46 4.45
CA VAL A 463 -0.01 13.98 5.39
C VAL A 463 -0.38 14.48 6.79
N GLY A 464 -0.19 13.64 7.79
CA GLY A 464 -0.65 13.90 9.16
C GLY A 464 0.44 14.08 10.21
N VAL A 465 1.62 14.55 9.79
CA VAL A 465 2.73 14.65 10.71
C VAL A 465 2.74 15.94 11.48
N ASP A 466 1.94 16.91 11.06
CA ASP A 466 1.93 18.17 11.73
C ASP A 466 0.55 18.59 12.19
N ASN A 467 -0.31 17.63 12.48
CA ASN A 467 -1.58 17.93 13.04
C ASN A 467 -1.51 18.02 14.60
N ALA A 468 -2.62 18.38 15.26
CA ALA A 468 -2.65 18.63 16.69
C ALA A 468 -2.22 17.37 17.45
N GLY A 469 -2.65 16.21 16.96
CA GLY A 469 -2.40 14.97 17.68
C GLY A 469 -0.90 14.63 17.61
N ALA A 470 -0.27 14.83 16.45
CA ALA A 470 1.19 14.64 16.29
C ALA A 470 2.01 15.58 17.13
N LYS A 471 1.65 16.85 17.08
CA LYS A 471 2.31 17.87 17.98
C LYS A 471 2.18 17.55 19.43
N ALA A 472 1.01 17.12 19.88
CA ALA A 472 0.86 16.78 21.29
C ALA A 472 1.78 15.64 21.69
N GLY A 473 1.90 14.63 20.84
CA GLY A 473 2.70 13.51 21.20
C GLY A 473 4.17 13.79 21.20
N LEU A 474 4.66 14.44 20.14
CA LEU A 474 6.07 14.78 20.14
C LEU A 474 6.39 15.78 21.27
N THR A 475 5.46 16.71 21.58
CA THR A 475 5.68 17.67 22.70
C THR A 475 5.82 16.93 24.03
N PHE A 476 5.08 15.86 24.18
CA PHE A 476 5.21 15.07 25.39
C PHE A 476 6.60 14.48 25.46
N LEU A 477 7.04 13.89 24.36
CA LEU A 477 8.37 13.31 24.35
C LEU A 477 9.47 14.35 24.66
N VAL A 478 9.34 15.52 24.02
CA VAL A 478 10.39 16.55 24.20
C VAL A 478 10.40 17.04 25.65
N ASP A 479 9.20 17.14 26.25
CA ASP A 479 9.05 17.49 27.66
C ASP A 479 9.71 16.44 28.58
N LEU A 480 9.58 15.18 28.23
CA LEU A 480 10.28 14.12 28.99
C LEU A 480 11.75 14.39 29.01
N ILE A 481 12.26 14.82 27.87
CA ILE A 481 13.67 15.12 27.77
C ILE A 481 14.03 16.38 28.58
N LYS A 482 13.25 17.43 28.39
CA LYS A 482 13.50 18.70 29.06
C LYS A 482 13.56 18.50 30.58
N ASN A 483 12.69 17.65 31.08
CA ASN A 483 12.56 17.41 32.47
C ASN A 483 13.47 16.25 32.97
N LYS A 484 14.43 15.87 32.14
CA LYS A 484 15.52 14.93 32.51
C LYS A 484 14.99 13.55 32.90
N HIS A 485 13.88 13.16 32.27
CA HIS A 485 13.37 11.79 32.39
C HIS A 485 13.90 10.91 31.24
N MET A 486 14.40 11.54 30.17
CA MET A 486 15.10 10.81 29.10
C MET A 486 16.21 11.73 28.57
N ASN A 487 17.12 11.14 27.78
CA ASN A 487 18.29 11.86 27.21
C ASN A 487 18.14 11.79 25.71
N ALA A 488 18.29 12.92 25.06
CA ALA A 488 18.13 13.03 23.63
C ALA A 488 19.07 12.14 22.87
N ASP A 489 20.20 11.75 23.45
CA ASP A 489 21.21 10.98 22.74
C ASP A 489 21.03 9.47 22.89
N THR A 490 20.03 9.01 23.62
CA THR A 490 19.84 7.56 23.77
C THR A 490 19.49 6.92 22.43
N ASP A 491 20.21 5.85 22.08
CA ASP A 491 20.02 5.09 20.91
C ASP A 491 19.75 3.65 21.23
N TYR A 492 19.79 2.78 20.23
CA TYR A 492 19.39 1.41 20.46
C TYR A 492 20.31 0.74 21.46
N SER A 493 21.64 0.86 21.29
CA SER A 493 22.63 0.16 22.15
C SER A 493 22.55 0.61 23.56
N ILE A 494 22.42 1.92 23.73
CA ILE A 494 22.38 2.54 25.07
C ILE A 494 21.14 2.04 25.82
N ALA A 495 19.97 2.12 25.18
CA ALA A 495 18.73 1.65 25.86
C ALA A 495 18.76 0.13 26.18
N GLU A 496 19.24 -0.68 25.23
CA GLU A 496 19.29 -2.14 25.45
C GLU A 496 20.23 -2.50 26.57
N ALA A 497 21.40 -1.86 26.61
CA ALA A 497 22.37 -2.11 27.71
C ALA A 497 21.79 -1.66 29.03
N ALA A 498 21.15 -0.48 29.10
CA ALA A 498 20.54 -0.07 30.38
C ALA A 498 19.43 -1.02 30.87
N PHE A 499 18.51 -1.40 30.00
CA PHE A 499 17.48 -2.33 30.42
C PHE A 499 18.10 -3.68 30.84
N ASN A 500 18.99 -4.23 30.01
CA ASN A 500 19.54 -5.55 30.30
C ASN A 500 20.48 -5.61 31.54
N LYS A 501 21.02 -4.46 31.95
CA LYS A 501 21.77 -4.35 33.21
C LYS A 501 20.88 -4.04 34.40
N GLY A 502 19.57 -3.86 34.20
CA GLY A 502 18.72 -3.57 35.33
C GLY A 502 18.78 -2.12 35.82
N GLU A 503 19.17 -1.17 34.97
CA GLU A 503 19.31 0.24 35.36
C GLU A 503 18.04 1.03 35.12
N THR A 504 17.30 0.62 34.12
CA THR A 504 16.02 1.25 33.75
C THR A 504 14.88 0.24 33.86
N ALA A 505 13.69 0.67 34.26
CA ALA A 505 12.56 -0.23 34.52
C ALA A 505 11.84 -0.66 33.29
N MET A 506 11.93 0.13 32.21
CA MET A 506 11.18 -0.09 31.00
C MET A 506 11.95 0.21 29.76
N THR A 507 11.64 -0.50 28.69
CA THR A 507 12.13 -0.10 27.38
C THR A 507 10.99 -0.34 26.38
N ILE A 508 11.20 0.12 25.15
CA ILE A 508 10.24 -0.10 24.04
C ILE A 508 11.01 -0.76 22.91
N ASN A 509 10.56 -1.96 22.55
CA ASN A 509 11.30 -2.76 21.58
C ASN A 509 10.42 -3.83 20.97
N GLY A 510 10.98 -4.46 19.93
CA GLY A 510 10.34 -5.53 19.23
C GLY A 510 10.80 -6.93 19.68
N PRO A 511 10.24 -7.95 19.07
CA PRO A 511 10.52 -9.36 19.47
C PRO A 511 11.95 -9.76 19.31
N TRP A 512 12.65 -9.16 18.35
CA TRP A 512 14.06 -9.47 18.12
C TRP A 512 14.91 -9.24 19.37
N ALA A 513 14.47 -8.33 20.24
CA ALA A 513 15.26 -7.95 21.41
C ALA A 513 15.15 -8.92 22.55
N TRP A 514 14.15 -9.81 22.50
CA TRP A 514 13.85 -10.65 23.64
C TRP A 514 15.01 -11.63 23.98
N SER A 515 15.71 -12.14 23.00
CA SER A 515 16.76 -13.12 23.36
C SER A 515 17.92 -12.57 24.15
N ASN A 516 18.35 -11.33 23.86
CA ASN A 516 19.34 -10.66 24.72
C ASN A 516 18.87 -10.38 26.14
N ILE A 517 17.57 -10.11 26.31
CA ILE A 517 16.98 -9.97 27.63
C ILE A 517 17.02 -11.33 28.34
N ASP A 518 16.68 -12.39 27.61
CA ASP A 518 16.79 -13.75 28.16
C ASP A 518 18.21 -14.04 28.72
N THR A 519 19.25 -13.75 27.92
CA THR A 519 20.66 -13.98 28.30
C THR A 519 20.99 -13.15 29.56
N SER A 520 20.48 -11.93 29.62
CA SER A 520 20.68 -11.05 30.77
C SER A 520 20.08 -11.58 32.10
N LYS A 521 19.09 -12.48 32.05
CA LYS A 521 18.33 -12.96 33.19
C LYS A 521 17.46 -11.93 33.92
N VAL A 522 17.24 -10.77 33.31
CA VAL A 522 16.28 -9.85 33.88
C VAL A 522 14.89 -10.53 33.91
N ASN A 523 14.14 -10.36 35.00
CA ASN A 523 12.81 -10.94 35.07
C ASN A 523 11.85 -9.94 34.37
N TYR A 524 11.54 -10.18 33.12
CA TYR A 524 10.78 -9.15 32.34
C TYR A 524 9.41 -9.58 31.87
N GLY A 525 8.56 -8.60 31.62
CA GLY A 525 7.24 -8.80 31.02
C GLY A 525 7.19 -7.97 29.72
N VAL A 526 6.26 -8.34 28.82
CA VAL A 526 6.02 -7.63 27.56
C VAL A 526 4.54 -7.33 27.58
N THR A 527 4.15 -6.10 27.39
CA THR A 527 2.79 -5.73 27.59
C THR A 527 2.38 -4.63 26.60
N VAL A 528 1.11 -4.25 26.70
CA VAL A 528 0.53 -3.13 25.95
C VAL A 528 1.26 -1.83 26.22
N LEU A 529 1.52 -1.08 25.15
CA LEU A 529 2.13 0.24 25.27
C LEU A 529 1.23 1.17 26.12
N PRO A 530 1.80 2.16 26.77
CA PRO A 530 0.96 3.11 27.53
C PRO A 530 0.05 3.90 26.61
N THR A 531 -1.05 4.34 27.18
CA THR A 531 -1.98 5.31 26.47
C THR A 531 -1.45 6.71 26.56
N PHE A 532 -1.89 7.57 25.64
CA PHE A 532 -1.59 9.01 25.60
C PHE A 532 -2.90 9.77 25.33
N LYS A 533 -3.23 10.71 26.24
CA LYS A 533 -4.54 11.44 26.25
C LYS A 533 -5.70 10.43 26.18
N GLY A 534 -5.49 9.32 26.89
CA GLY A 534 -6.47 8.21 26.95
C GLY A 534 -6.57 7.34 25.72
N GLN A 535 -5.74 7.57 24.70
CA GLN A 535 -5.82 6.79 23.48
C GLN A 535 -4.65 5.78 23.40
N PRO A 536 -4.88 4.58 22.84
CA PRO A 536 -3.75 3.65 22.64
C PRO A 536 -2.58 4.26 21.86
N SER A 537 -1.36 3.96 22.25
CA SER A 537 -0.21 4.13 21.38
C SER A 537 -0.41 3.24 20.15
N LYS A 538 0.06 3.72 19.01
CA LYS A 538 -0.30 3.13 17.72
C LYS A 538 0.95 2.80 16.93
N PRO A 539 1.62 1.71 17.27
CA PRO A 539 2.85 1.41 16.55
C PRO A 539 2.61 1.14 15.11
N PHE A 540 3.54 1.54 14.25
CA PHE A 540 3.49 1.14 12.84
C PHE A 540 3.96 -0.33 12.74
N VAL A 541 3.12 -1.20 12.16
CA VAL A 541 3.30 -2.64 12.16
C VAL A 541 4.03 -2.99 10.93
N GLY A 542 5.08 -3.80 11.09
CA GLY A 542 5.96 -4.21 9.98
C GLY A 542 5.76 -5.69 9.74
N VAL A 543 5.91 -6.15 8.49
CA VAL A 543 5.98 -7.53 8.21
C VAL A 543 7.35 -7.77 7.62
N LEU A 544 8.22 -8.47 8.36
CA LEU A 544 9.51 -8.88 7.84
C LEU A 544 9.26 -9.69 6.58
N SER A 545 9.91 -9.29 5.51
CA SER A 545 9.64 -9.88 4.19
C SER A 545 10.90 -10.22 3.47
N ALA A 546 10.81 -11.14 2.52
CA ALA A 546 12.00 -11.54 1.74
C ALA A 546 11.71 -11.36 0.30
N GLY A 547 12.37 -10.40 -0.32
CA GLY A 547 12.23 -10.12 -1.75
C GLY A 547 13.35 -10.72 -2.58
N ILE A 548 13.07 -10.94 -3.87
CA ILE A 548 14.08 -11.54 -4.76
C ILE A 548 14.55 -10.43 -5.73
N ASN A 549 15.84 -10.22 -5.77
CA ASN A 549 16.44 -9.24 -6.69
C ASN A 549 16.05 -9.54 -8.13
N ALA A 550 15.54 -8.53 -8.81
CA ALA A 550 15.16 -8.66 -10.26
C ALA A 550 16.33 -9.06 -11.15
N ALA A 551 17.55 -8.76 -10.72
CA ALA A 551 18.72 -9.05 -11.49
C ALA A 551 19.33 -10.38 -11.09
N SER A 552 18.73 -11.14 -10.17
CA SER A 552 19.33 -12.42 -9.76
C SER A 552 19.16 -13.46 -10.85
N PRO A 553 20.22 -14.23 -11.14
CA PRO A 553 20.12 -15.41 -12.04
C PRO A 553 19.73 -16.69 -11.27
N ASN A 554 19.33 -16.52 -10.00
CA ASN A 554 18.99 -17.62 -9.11
C ASN A 554 17.56 -17.51 -8.57
N LYS A 555 16.62 -17.05 -9.43
CA LYS A 555 15.31 -16.77 -8.93
C LYS A 555 14.57 -18.03 -8.47
N GLU A 556 14.74 -19.13 -9.20
CA GLU A 556 14.10 -20.37 -8.84
C GLU A 556 14.72 -20.98 -7.58
N LEU A 557 16.05 -20.96 -7.47
CA LEU A 557 16.77 -21.40 -6.26
C LEU A 557 16.27 -20.66 -5.02
N ALA A 558 16.09 -19.36 -5.16
CA ALA A 558 15.64 -18.48 -4.07
C ALA A 558 14.23 -18.89 -3.65
N LYS A 559 13.37 -19.18 -4.62
CA LYS A 559 12.01 -19.63 -4.30
C LYS A 559 11.99 -20.97 -3.62
N GLU A 560 12.79 -21.87 -4.12
CA GLU A 560 12.97 -23.15 -3.45
C GLU A 560 13.42 -23.02 -2.00
N PHE A 561 14.46 -22.21 -1.73
CA PHE A 561 14.92 -21.96 -0.39
C PHE A 561 13.85 -21.36 0.50
N LEU A 562 13.21 -20.30 0.04
CA LEU A 562 12.22 -19.58 0.84
C LEU A 562 10.99 -20.42 1.12
N GLU A 563 10.50 -21.15 0.12
CA GLU A 563 9.27 -21.90 0.29
C GLU A 563 9.48 -23.22 1.00
N ASN A 564 10.60 -23.89 0.78
CA ASN A 564 10.75 -25.22 1.33
C ASN A 564 11.72 -25.38 2.47
N TYR A 565 12.48 -24.34 2.78
CA TYR A 565 13.42 -24.34 3.89
C TYR A 565 13.08 -23.28 4.92
N LEU A 566 13.00 -22.01 4.55
CA LEU A 566 12.76 -20.98 5.57
C LEU A 566 11.35 -21.02 6.14
N LEU A 567 10.37 -21.04 5.25
CA LEU A 567 8.95 -20.94 5.58
C LEU A 567 8.35 -22.31 5.91
N THR A 568 9.01 -22.96 6.83
CA THR A 568 8.65 -24.24 7.42
C THR A 568 8.74 -24.07 8.92
N ASP A 569 8.14 -25.01 9.65
CA ASP A 569 8.25 -24.99 11.08
C ASP A 569 9.71 -25.06 11.54
N GLU A 570 10.52 -25.91 10.92
CA GLU A 570 11.86 -26.11 11.38
C GLU A 570 12.74 -24.89 11.01
N GLY A 571 12.49 -24.27 9.85
CA GLY A 571 13.26 -23.10 9.40
C GLY A 571 12.98 -21.88 10.28
N LEU A 572 11.71 -21.59 10.48
CA LEU A 572 11.36 -20.51 11.34
C LEU A 572 11.81 -20.73 12.75
N GLU A 573 11.69 -21.95 13.24
CA GLU A 573 12.17 -22.19 14.63
C GLU A 573 13.65 -21.88 14.78
N ALA A 574 14.43 -22.24 13.77
CA ALA A 574 15.82 -21.97 13.81
C ALA A 574 16.19 -20.46 13.83
N VAL A 575 15.46 -19.63 13.09
CA VAL A 575 15.72 -18.22 13.17
C VAL A 575 15.23 -17.68 14.52
N ASN A 576 14.00 -18.06 14.86
CA ASN A 576 13.32 -17.65 16.09
C ASN A 576 14.16 -17.94 17.32
N LYS A 577 14.86 -19.08 17.31
CA LYS A 577 15.66 -19.44 18.50
C LYS A 577 16.87 -18.55 18.65
N ASP A 578 17.34 -17.98 17.54
CA ASP A 578 18.43 -16.99 17.53
C ASP A 578 17.93 -15.60 18.00
N LYS A 579 17.00 -14.99 17.22
CA LYS A 579 16.26 -13.79 17.64
C LYS A 579 14.78 -13.98 17.29
N PRO A 580 13.85 -13.74 18.26
CA PRO A 580 12.44 -14.05 17.94
C PRO A 580 11.93 -13.15 16.84
N LEU A 581 11.17 -13.78 15.95
CA LEU A 581 10.67 -13.15 14.77
C LEU A 581 9.44 -12.28 15.05
N GLY A 582 8.67 -12.63 16.09
CA GLY A 582 7.37 -12.13 16.33
C GLY A 582 6.28 -13.09 15.90
N ALA A 583 5.15 -12.56 15.48
CA ALA A 583 3.97 -13.42 15.12
C ALA A 583 4.16 -13.87 13.67
N VAL A 584 4.50 -15.13 13.49
CA VAL A 584 4.97 -15.53 12.16
C VAL A 584 3.81 -15.69 11.15
N ALA A 585 4.17 -15.58 9.86
CA ALA A 585 3.26 -15.67 8.74
C ALA A 585 2.80 -17.11 8.48
N LEU A 586 3.59 -18.10 8.89
CA LEU A 586 3.30 -19.52 8.61
C LEU A 586 2.34 -20.01 9.69
N LYS A 587 1.15 -20.36 9.25
CA LYS A 587 0.09 -20.75 10.15
C LYS A 587 0.46 -21.85 11.10
N SER A 588 1.10 -22.89 10.59
CA SER A 588 1.41 -24.03 11.38
C SER A 588 2.33 -23.68 12.56
N TYR A 589 3.27 -22.80 12.34
CA TYR A 589 4.19 -22.42 13.39
C TYR A 589 3.60 -21.36 14.33
N GLU A 590 2.84 -20.42 13.81
CA GLU A 590 2.18 -19.44 14.65
C GLU A 590 1.22 -20.12 15.64
N GLU A 591 0.65 -21.25 15.26
CA GLU A 591 -0.22 -22.00 16.21
C GLU A 591 0.52 -22.47 17.43
N GLU A 592 1.84 -22.64 17.35
CA GLU A 592 2.67 -22.96 18.49
C GLU A 592 3.04 -21.68 19.25
N LEU A 593 3.25 -20.58 18.56
CA LEU A 593 3.75 -19.41 19.24
C LEU A 593 2.65 -18.62 20.00
N VAL A 594 1.37 -18.85 19.69
CA VAL A 594 0.32 -18.02 20.32
C VAL A 594 0.20 -18.34 21.79
N LYS A 595 0.76 -19.43 22.27
CA LYS A 595 0.65 -19.60 23.73
C LYS A 595 1.66 -18.78 24.54
N ASP A 596 2.58 -18.15 23.88
CA ASP A 596 3.56 -17.28 24.57
C ASP A 596 2.97 -15.86 24.87
N PRO A 597 2.93 -15.44 26.16
CA PRO A 597 2.30 -14.18 26.51
C PRO A 597 3.03 -13.04 25.79
N ARG A 598 4.31 -13.21 25.42
CA ARG A 598 5.00 -12.10 24.75
C ARG A 598 4.41 -11.90 23.28
N ILE A 599 4.02 -13.02 22.68
CA ILE A 599 3.37 -13.00 21.37
C ILE A 599 1.99 -12.41 21.52
N ALA A 600 1.32 -12.76 22.59
CA ALA A 600 -0.06 -12.20 22.81
C ALA A 600 0.05 -10.67 22.90
N ALA A 601 1.05 -10.16 23.64
CA ALA A 601 1.27 -8.72 23.76
C ALA A 601 1.60 -8.08 22.40
N THR A 602 2.45 -8.73 21.64
CA THR A 602 2.79 -8.29 20.28
C THR A 602 1.54 -8.11 19.43
N MET A 603 0.67 -9.11 19.46
CA MET A 603 -0.59 -9.05 18.72
C MET A 603 -1.50 -7.93 19.21
N GLU A 604 -1.54 -7.69 20.51
CA GLU A 604 -2.42 -6.67 21.07
C GLU A 604 -1.92 -5.28 20.63
N ASN A 605 -0.62 -5.09 20.67
CA ASN A 605 -0.06 -3.85 20.19
C ASN A 605 -0.23 -3.73 18.65
N ALA A 606 -0.02 -4.81 17.89
CA ALA A 606 -0.29 -4.76 16.45
C ALA A 606 -1.72 -4.33 16.14
N GLN A 607 -2.68 -4.85 16.89
CA GLN A 607 -4.09 -4.52 16.65
C GLN A 607 -4.38 -3.06 16.88
N LYS A 608 -3.74 -2.47 17.86
CA LYS A 608 -3.95 -1.08 18.22
C LYS A 608 -3.23 -0.16 17.21
N GLY A 609 -2.21 -0.68 16.59
CA GLY A 609 -1.41 0.08 15.57
C GLY A 609 -1.99 -0.02 14.18
N GLU A 610 -1.22 0.38 13.19
CA GLU A 610 -1.70 0.32 11.80
CA GLU A 610 -1.65 0.42 11.80
C GLU A 610 -0.60 -0.31 10.98
N ILE A 611 -1.01 -1.14 10.02
CA ILE A 611 0.01 -1.71 9.12
C ILE A 611 0.70 -0.57 8.39
N MET A 612 2.02 -0.65 8.20
CA MET A 612 2.69 0.36 7.42
C MET A 612 2.20 0.28 5.97
N PRO A 613 1.95 1.44 5.35
CA PRO A 613 1.91 1.39 3.89
C PRO A 613 3.20 0.89 3.29
N ASN A 614 3.12 0.30 2.08
CA ASN A 614 4.35 0.00 1.32
C ASN A 614 4.56 0.91 0.12
N ILE A 615 3.79 2.00 0.06
CA ILE A 615 3.92 2.99 -1.01
C ILE A 615 5.34 3.60 -1.13
N PRO A 616 5.78 3.94 -2.36
CA PRO A 616 7.17 4.48 -2.55
C PRO A 616 7.44 5.70 -1.69
N GLN A 617 6.40 6.44 -1.34
CA GLN A 617 6.56 7.66 -0.61
C GLN A 617 6.92 7.42 0.90
N MET A 618 6.95 6.16 1.35
CA MET A 618 7.22 5.93 2.74
C MET A 618 8.67 6.31 3.12
N SER A 619 9.59 6.12 2.18
CA SER A 619 10.99 6.44 2.41
C SER A 619 11.08 7.96 2.76
N ALA A 620 10.38 8.82 2.04
CA ALA A 620 10.42 10.28 2.30
C ALA A 620 9.78 10.59 3.62
N PHE A 621 8.67 9.88 3.92
CA PHE A 621 8.02 10.02 5.22
C PHE A 621 9.02 9.76 6.36
N TRP A 622 9.67 8.61 6.32
CA TRP A 622 10.54 8.23 7.43
C TRP A 622 11.76 9.17 7.54
N TYR A 623 12.34 9.56 6.43
CA TYR A 623 13.47 10.54 6.49
C TYR A 623 13.09 11.86 7.14
N ALA A 624 11.95 12.42 6.71
CA ALA A 624 11.42 13.64 7.27
C ALA A 624 11.11 13.53 8.77
N VAL A 625 10.46 12.44 9.21
CA VAL A 625 10.05 12.33 10.58
C VAL A 625 11.28 12.07 11.45
N ARG A 626 12.28 11.36 10.93
CA ARG A 626 13.52 11.14 11.65
C ARG A 626 14.17 12.47 12.03
N THR A 627 14.32 13.34 11.04
CA THR A 627 14.94 14.63 11.26
C THR A 627 14.12 15.45 12.23
N ALA A 628 12.79 15.44 12.08
CA ALA A 628 11.95 16.19 12.99
C ALA A 628 12.07 15.77 14.43
N VAL A 629 12.09 14.46 14.68
CA VAL A 629 12.19 13.95 16.04
C VAL A 629 13.59 14.26 16.66
N ILE A 630 14.65 13.96 15.92
CA ILE A 630 16.03 14.23 16.43
C ILE A 630 16.16 15.75 16.72
N ASN A 631 15.70 16.61 15.80
CA ASN A 631 15.82 18.07 16.03
C ASN A 631 14.98 18.57 17.19
N ALA A 632 13.73 18.12 17.28
CA ALA A 632 12.89 18.57 18.38
C ALA A 632 13.44 18.10 19.72
N ALA A 633 13.92 16.86 19.75
CA ALA A 633 14.48 16.25 21.00
C ALA A 633 15.75 16.96 21.51
N SER A 634 16.58 17.38 20.59
CA SER A 634 17.82 18.08 21.01
C SER A 634 17.63 19.60 21.08
N GLY A 635 16.39 20.06 20.99
CA GLY A 635 16.06 21.47 21.19
C GLY A 635 16.42 22.37 20.04
N ARG A 636 16.77 21.79 18.89
CA ARG A 636 17.19 22.61 17.73
C ARG A 636 16.18 23.62 17.15
N GLN A 637 14.90 23.26 17.16
CA GLN A 637 13.81 24.16 16.76
C GLN A 637 12.63 23.71 17.67
N THR A 638 11.50 24.41 17.70
CA THR A 638 10.32 23.94 18.47
C THR A 638 9.66 22.72 17.78
N VAL A 639 8.78 22.06 18.51
CA VAL A 639 8.07 20.91 17.99
C VAL A 639 7.20 21.33 16.75
N ASP A 640 6.42 22.41 16.90
CA ASP A 640 5.54 22.90 15.86
C ASP A 640 6.28 23.13 14.55
N GLU A 641 7.43 23.84 14.60
CA GLU A 641 8.31 24.18 13.45
C GLU A 641 8.87 22.88 12.80
N ASP A 642 9.40 21.99 13.63
CA ASP A 642 10.04 20.74 13.13
C ASP A 642 9.02 19.87 12.40
N LEU A 643 7.81 19.74 12.99
CA LEU A 643 6.78 18.90 12.30
C LEU A 643 6.28 19.60 11.04
N LYS A 644 6.17 20.92 11.08
CA LYS A 644 5.82 21.65 9.82
C LYS A 644 6.89 21.46 8.71
N ASP A 645 8.18 21.53 9.08
CA ASP A 645 9.26 21.23 8.11
C ASP A 645 9.09 19.81 7.51
N ALA A 646 8.86 18.81 8.37
CA ALA A 646 8.70 17.43 7.97
C ALA A 646 7.59 17.34 6.94
N GLN A 647 6.47 17.98 7.27
CA GLN A 647 5.30 17.95 6.44
C GLN A 647 5.63 18.53 5.04
N THR A 648 6.28 19.69 5.01
CA THR A 648 6.69 20.29 3.73
C THR A 648 7.64 19.42 2.91
N ARG A 649 8.60 18.76 3.58
CA ARG A 649 9.49 17.84 2.88
C ARG A 649 8.71 16.72 2.23
N ILE A 650 7.76 16.12 2.96
CA ILE A 650 7.09 14.94 2.46
C ILE A 650 6.23 15.31 1.29
N THR A 651 5.46 16.38 1.42
CA THR A 651 4.59 16.79 0.35
C THR A 651 5.43 17.74 -0.48
#